data_3FCR
#
_entry.id   3FCR
#
_cell.length_a   76.850
_cell.length_b   96.250
_cell.length_c   60.300
_cell.angle_alpha   90.000
_cell.angle_beta   105.510
_cell.angle_gamma   90.000
#
_symmetry.space_group_name_H-M   'C 1 2 1'
#
loop_
_entity.id
_entity.type
_entity.pdbx_description
1 polymer 'putative aminotransferase'
2 non-polymer "PYRIDOXAL-5'-PHOSPHATE"
3 non-polymer 1,2-ETHANEDIOL
4 water water
#
_entity_poly.entity_id   1
_entity_poly.type   'polypeptide(L)'
_entity_poly.pdbx_seq_one_letter_code
;G(MSE)LKNDQLDQWDRDNFFHPSTHLAQHARGESANRVIKTASGVFIEDRDGTKLLDAFAGLYCVNVGYGRQEIAEAIA
DQARELAYYHSYVGHGTEASITLAK(MSE)ILDRAPKN(MSE)SKVYFGLGGSDANETNVKLIWYYNNILGRPEKKKIIS
RWRGYHGSGLVTGSLTGLELFHKKFDLPVEQVIHTEAPYYFRREDLNQTEEQFVAHCVAELEALIEREGADTIAAFIGEP
ILGTGGIVPPPAGYWEAIQTVLNKHDILLVADEVVTGFGRLGT(MSE)FGSDHYGLEPDIITIA(LLP)GLTSAYAPLSG
SIVSDKVWKVLEQGTDENGPIGHGWTYSAHPIGAAAGVANLKLLDELNLVSNAGEVGAYLNAT(MSE)AEALSQHANVGD
VRGEGLLCAVEFVKDRDSRTFFDAADKIGPQISAKLLEQDKIIARA(MSE)PQGDILGFAPPFCLTRAEADQVVEGTLRA
VKAVLG
;
_entity_poly.pdbx_strand_id   A
#
loop_
_chem_comp.id
_chem_comp.type
_chem_comp.name
_chem_comp.formula
EDO non-polymer 1,2-ETHANEDIOL 'C2 H6 O2'
PLP non-polymer PYRIDOXAL-5'-PHOSPHATE 'C8 H10 N O6 P'
#
# COMPACT_ATOMS: atom_id res chain seq x y z
N GLY A 1 3.54 -35.95 8.13
CA GLY A 1 3.59 -36.54 6.76
C GLY A 1 2.38 -36.22 5.89
N MSE A 2 2.05 -37.14 4.96
CA MSE A 2 0.92 -36.98 4.05
CA MSE A 2 0.91 -36.89 4.09
CA MSE A 2 0.90 -37.07 4.04
C MSE A 2 -0.41 -36.87 4.79
O MSE A 2 -1.26 -36.08 4.43
CB MSE A 2 0.85 -38.19 3.12
CB MSE A 2 0.83 -37.84 2.89
CB MSE A 2 0.70 -38.42 3.30
CG MSE A 2 2.03 -38.31 2.16
CG MSE A 2 1.20 -37.18 1.58
CG MSE A 2 1.87 -39.08 2.57
SE MSE A 2 1.86 -37.18 0.61
SE MSE A 2 0.62 -38.32 0.16
SE MSE A 2 2.17 -38.56 0.72
CE MSE A 2 0.34 -38.08 -0.21
CE MSE A 2 1.71 -39.74 0.75
CE MSE A 2 3.00 -36.77 1.15
N LEU A 3 -0.60 -37.71 5.80
CA LEU A 3 -1.86 -37.69 6.54
C LEU A 3 -2.05 -36.39 7.32
N LYS A 4 -1.01 -35.84 7.93
CA LYS A 4 -1.08 -34.56 8.62
C LYS A 4 -1.28 -33.43 7.60
N ASN A 5 -0.61 -33.50 6.46
CA ASN A 5 -0.79 -32.49 5.45
C ASN A 5 -2.23 -32.44 4.92
N ASP A 6 -2.84 -33.60 4.73
CA ASP A 6 -4.22 -33.70 4.27
C ASP A 6 -5.22 -33.25 5.36
N GLN A 7 -4.87 -33.48 6.61
CA GLN A 7 -5.70 -33.06 7.70
C GLN A 7 -5.67 -31.51 7.79
N LEU A 8 -4.50 -30.93 7.66
CA LEU A 8 -4.41 -29.48 7.71
CA LEU A 8 -4.41 -29.47 7.70
C LEU A 8 -5.27 -28.84 6.60
N ASP A 9 -5.16 -29.34 5.37
CA ASP A 9 -5.96 -28.85 4.26
C ASP A 9 -7.46 -28.93 4.57
N GLN A 10 -7.88 -30.02 5.16
CA GLN A 10 -9.25 -30.18 5.53
C GLN A 10 -9.66 -29.18 6.65
N TRP A 11 -8.81 -28.98 7.64
CA TRP A 11 -9.10 -28.02 8.70
C TRP A 11 -9.22 -26.64 8.14
N ASP A 12 -8.34 -26.36 7.18
CA ASP A 12 -8.30 -25.08 6.48
C ASP A 12 -9.64 -24.84 5.79
N ARG A 13 -10.04 -25.74 4.91
CA ARG A 13 -11.30 -25.61 4.19
C ARG A 13 -12.52 -25.56 5.10
N ASP A 14 -12.51 -26.36 6.17
CA ASP A 14 -13.64 -26.45 7.10
C ASP A 14 -13.78 -25.32 8.14
N ASN A 15 -12.72 -24.55 8.39
CA ASN A 15 -12.75 -23.58 9.49
C ASN A 15 -12.17 -22.19 9.23
N PHE A 16 -11.44 -22.02 8.15
CA PHE A 16 -10.65 -20.80 7.90
C PHE A 16 -11.21 -19.93 6.72
N PHE A 17 -11.71 -18.74 7.09
CA PHE A 17 -12.30 -17.73 6.21
C PHE A 17 -11.11 -16.80 5.91
N HIS A 18 -10.59 -16.97 4.69
CA HIS A 18 -9.41 -16.24 4.23
C HIS A 18 -9.81 -14.89 3.65
N PRO A 19 -8.93 -13.88 3.74
CA PRO A 19 -9.20 -12.66 3.02
C PRO A 19 -9.10 -12.88 1.49
N SER A 20 -9.77 -12.02 0.75
CA SER A 20 -9.64 -12.00 -0.67
C SER A 20 -9.62 -13.42 -1.30
N THR A 21 -10.68 -14.19 -1.03
CA THR A 21 -10.74 -15.56 -1.50
C THR A 21 -12.16 -15.86 -1.93
N HIS A 22 -12.26 -16.76 -2.93
CA HIS A 22 -13.53 -17.29 -3.40
C HIS A 22 -13.92 -18.26 -2.31
N LEU A 23 -14.76 -17.79 -1.40
CA LEU A 23 -15.12 -18.56 -0.22
C LEU A 23 -15.79 -19.90 -0.47
N ALA A 24 -16.74 -19.96 -1.40
CA ALA A 24 -17.44 -21.23 -1.66
C ALA A 24 -16.50 -22.27 -2.26
N GLN A 25 -15.66 -21.87 -3.20
CA GLN A 25 -14.73 -22.78 -3.85
C GLN A 25 -13.68 -23.31 -2.89
N HIS A 26 -13.19 -22.46 -2.00
CA HIS A 26 -12.20 -22.85 -1.00
C HIS A 26 -12.82 -23.81 -0.01
N ALA A 27 -14.00 -23.49 0.49
CA ALA A 27 -14.62 -24.41 1.44
C ALA A 27 -14.96 -25.77 0.79
N ARG A 28 -15.30 -25.76 -0.51
CA ARG A 28 -15.67 -27.00 -1.23
C ARG A 28 -14.48 -27.84 -1.79
N GLY A 29 -13.27 -27.33 -1.71
CA GLY A 29 -12.10 -28.01 -2.24
C GLY A 29 -11.94 -27.84 -3.73
N GLU A 30 -12.65 -26.89 -4.33
CA GLU A 30 -12.55 -26.65 -5.77
C GLU A 30 -11.38 -25.73 -6.10
N SER A 31 -11.07 -24.79 -5.21
CA SER A 31 -9.89 -23.97 -5.39
C SER A 31 -8.77 -24.49 -4.50
N ALA A 32 -7.55 -24.30 -4.97
CA ALA A 32 -6.36 -24.74 -4.26
C ALA A 32 -6.04 -23.84 -3.07
N ASN A 33 -5.60 -24.46 -1.97
CA ASN A 33 -5.07 -23.74 -0.82
C ASN A 33 -3.54 -23.88 -0.83
N ARG A 34 -2.83 -23.13 -0.02
CA ARG A 34 -1.38 -23.26 0.00
C ARG A 34 -0.83 -22.87 1.35
N VAL A 35 0.09 -23.68 1.86
CA VAL A 35 0.63 -23.51 3.22
C VAL A 35 2.09 -23.14 3.06
N ILE A 36 2.45 -21.90 3.44
CA ILE A 36 3.83 -21.44 3.40
C ILE A 36 4.49 -21.91 4.70
N LYS A 37 5.74 -22.41 4.60
CA LYS A 37 6.50 -22.96 5.73
C LYS A 37 7.58 -22.02 6.22
N THR A 38 8.41 -21.60 5.28
CA THR A 38 9.54 -20.78 5.62
C THR A 38 9.89 -19.86 4.45
N ALA A 39 10.88 -19.01 4.65
CA ALA A 39 11.27 -18.03 3.65
C ALA A 39 12.65 -17.46 3.93
N SER A 40 13.31 -17.01 2.88
CA SER A 40 14.61 -16.42 3.06
C SER A 40 14.97 -15.56 1.89
N GLY A 41 15.44 -14.34 2.15
CA GLY A 41 15.81 -13.42 1.10
C GLY A 41 14.60 -12.93 0.32
N VAL A 42 14.52 -13.25 -0.96
CA VAL A 42 13.38 -12.89 -1.81
C VAL A 42 12.56 -14.12 -2.11
N PHE A 43 12.88 -15.24 -1.46
CA PHE A 43 12.17 -16.51 -1.68
C PHE A 43 11.33 -16.99 -0.50
N ILE A 44 10.15 -17.54 -0.83
CA ILE A 44 9.31 -18.24 0.13
C ILE A 44 9.32 -19.74 -0.22
N GLU A 45 8.89 -20.58 0.71
CA GLU A 45 8.88 -22.01 0.48
C GLU A 45 7.65 -22.65 1.09
N ASP A 46 6.91 -23.44 0.32
CA ASP A 46 5.70 -24.11 0.85
CA ASP A 46 5.71 -24.09 0.88
C ASP A 46 6.11 -25.36 1.65
N ARG A 47 5.14 -26.04 2.22
CA ARG A 47 5.38 -27.22 3.04
C ARG A 47 5.83 -28.46 2.22
N ASP A 48 5.57 -28.45 0.92
CA ASP A 48 6.03 -29.50 0.00
C ASP A 48 7.46 -29.23 -0.41
N GLY A 49 8.02 -28.08 -0.02
CA GLY A 49 9.39 -27.74 -0.34
C GLY A 49 9.60 -26.87 -1.56
N THR A 50 8.52 -26.53 -2.27
CA THR A 50 8.61 -25.69 -3.46
C THR A 50 9.01 -24.24 -3.14
N LYS A 51 10.03 -23.78 -3.84
CA LYS A 51 10.59 -22.46 -3.63
C LYS A 51 10.15 -21.49 -4.74
N LEU A 52 9.53 -20.38 -4.32
CA LEU A 52 8.99 -19.36 -5.21
C LEU A 52 9.72 -18.04 -5.01
N LEU A 53 10.14 -17.40 -6.10
CA LEU A 53 10.71 -16.05 -6.03
C LEU A 53 9.53 -15.06 -5.86
N ASP A 54 9.43 -14.43 -4.69
CA ASP A 54 8.33 -13.47 -4.41
C ASP A 54 8.65 -12.05 -4.86
N ALA A 55 8.23 -11.73 -6.09
CA ALA A 55 8.47 -10.41 -6.66
C ALA A 55 7.38 -9.43 -6.17
N PHE A 56 6.52 -9.88 -5.24
CA PHE A 56 5.54 -8.98 -4.62
C PHE A 56 5.78 -8.67 -3.11
N ALA A 57 6.78 -9.33 -2.50
CA ALA A 57 7.21 -9.11 -1.11
C ALA A 57 6.04 -9.24 -0.16
N GLY A 58 5.35 -10.36 -0.30
CA GLY A 58 4.12 -10.58 0.45
C GLY A 58 3.00 -9.79 -0.22
N LEU A 59 2.74 -8.60 0.34
CA LEU A 59 1.81 -7.60 -0.21
C LEU A 59 2.47 -6.26 -0.03
N TYR A 60 3.46 -6.00 -0.86
CA TYR A 60 4.26 -4.78 -0.83
C TYR A 60 4.80 -4.56 0.58
N CYS A 61 5.11 -5.61 1.34
CA CYS A 61 5.49 -5.33 2.71
C CYS A 61 6.75 -5.92 3.32
N VAL A 62 7.21 -7.08 2.85
CA VAL A 62 8.41 -7.72 3.41
C VAL A 62 9.62 -7.06 2.80
N ASN A 63 9.79 -5.80 3.15
CA ASN A 63 10.77 -4.92 2.54
C ASN A 63 12.22 -5.26 2.81
N VAL A 64 12.60 -5.52 4.05
CA VAL A 64 14.01 -5.90 4.32
C VAL A 64 14.37 -7.31 3.75
N GLY A 65 13.36 -8.13 3.46
CA GLY A 65 13.53 -9.49 3.02
C GLY A 65 13.05 -10.46 4.09
N TYR A 66 12.91 -11.71 3.65
CA TYR A 66 12.49 -12.77 4.48
C TYR A 66 13.71 -13.31 5.24
N GLY A 67 13.45 -14.05 6.33
CA GLY A 67 14.49 -14.68 7.14
C GLY A 67 15.49 -13.79 7.85
N ARG A 68 15.12 -12.56 8.17
CA ARG A 68 16.02 -11.67 8.90
C ARG A 68 15.90 -12.01 10.38
N GLN A 69 16.88 -12.77 10.88
CA GLN A 69 16.86 -13.24 12.27
C GLN A 69 17.12 -12.10 13.25
N GLU A 70 17.67 -10.99 12.76
CA GLU A 70 17.85 -9.79 13.56
C GLU A 70 16.50 -9.30 14.07
N ILE A 71 15.47 -9.42 13.24
CA ILE A 71 14.12 -8.98 13.61
C ILE A 71 13.39 -10.06 14.42
N ALA A 72 13.51 -11.31 13.98
CA ALA A 72 12.91 -12.44 14.68
C ALA A 72 13.38 -12.44 16.17
N GLU A 73 14.68 -12.15 16.36
CA GLU A 73 15.30 -12.12 17.71
C GLU A 73 14.92 -10.90 18.51
N ALA A 74 14.66 -9.79 17.85
CA ALA A 74 14.19 -8.58 18.50
C ALA A 74 12.80 -8.80 19.07
N ILE A 75 12.00 -9.60 18.35
CA ILE A 75 10.63 -9.97 18.71
C ILE A 75 10.66 -10.94 19.87
N ALA A 76 11.58 -11.91 19.80
CA ALA A 76 11.77 -12.90 20.86
C ALA A 76 12.15 -12.22 22.18
N ASP A 77 13.06 -11.25 22.13
CA ASP A 77 13.52 -10.54 23.33
C ASP A 77 12.41 -9.76 24.00
N GLN A 78 11.61 -9.06 23.20
CA GLN A 78 10.46 -8.35 23.75
C GLN A 78 9.43 -9.33 24.29
N ALA A 79 9.07 -10.35 23.51
CA ALA A 79 8.12 -11.35 23.94
C ALA A 79 8.52 -11.96 25.31
N ARG A 80 9.82 -12.14 25.55
CA ARG A 80 10.27 -12.70 26.82
C ARG A 80 10.17 -11.75 27.97
N GLU A 81 10.54 -10.50 27.74
CA GLU A 81 10.56 -9.50 28.79
C GLU A 81 9.16 -8.92 29.17
N LEU A 82 8.40 -8.50 28.17
CA LEU A 82 7.07 -7.93 28.34
C LEU A 82 6.42 -7.92 26.94
N ALA A 83 5.64 -8.95 26.65
CA ALA A 83 4.95 -9.09 25.35
C ALA A 83 3.93 -7.94 25.20
N TYR A 84 3.23 -7.65 26.30
CA TYR A 84 2.23 -6.60 26.33
C TYR A 84 1.94 -5.87 27.62
N TYR A 85 1.91 -4.53 27.52
CA TYR A 85 1.11 -3.72 28.48
C TYR A 85 0.41 -2.66 27.61
N HIS A 86 -0.72 -2.12 28.07
CA HIS A 86 -1.38 -1.05 27.30
C HIS A 86 -0.58 0.25 27.28
N SER A 87 -0.97 1.17 26.41
CA SER A 87 -0.31 2.47 26.34
C SER A 87 -1.28 3.63 26.66
N TYR A 88 -2.39 3.31 27.30
CA TYR A 88 -3.41 4.27 27.74
C TYR A 88 -2.84 5.11 28.89
N VAL A 89 -3.33 6.34 29.02
CA VAL A 89 -3.00 7.23 30.13
C VAL A 89 -1.50 7.31 30.30
N GLY A 90 -0.82 7.70 29.22
CA GLY A 90 0.61 7.86 29.16
C GLY A 90 1.52 6.67 29.44
N HIS A 91 1.00 5.44 29.37
CA HIS A 91 1.82 4.26 29.58
C HIS A 91 2.54 3.87 28.27
N GLY A 92 3.67 3.20 28.40
CA GLY A 92 4.52 2.86 27.27
C GLY A 92 5.59 1.84 27.59
N THR A 93 6.38 1.47 26.59
CA THR A 93 7.52 0.57 26.76
C THR A 93 8.70 1.30 26.17
N GLU A 94 9.91 0.86 26.44
CA GLU A 94 11.05 1.51 25.82
C GLU A 94 10.96 1.39 24.25
N ALA A 95 10.46 0.26 23.78
CA ALA A 95 10.31 -0.08 22.36
C ALA A 95 9.41 0.91 21.64
N SER A 96 8.22 1.15 22.19
CA SER A 96 7.25 2.09 21.61
C SER A 96 7.77 3.50 21.62
N ILE A 97 8.38 3.92 22.74
CA ILE A 97 8.90 5.29 22.87
C ILE A 97 10.01 5.51 21.84
N THR A 98 10.92 4.55 21.81
CA THR A 98 12.04 4.52 20.89
C THR A 98 11.56 4.54 19.42
N LEU A 99 10.54 3.75 19.12
CA LEU A 99 10.03 3.69 17.73
C LEU A 99 9.38 5.01 17.34
N ALA A 100 8.64 5.62 18.27
CA ALA A 100 7.99 6.90 18.01
C ALA A 100 9.05 7.91 17.60
N LYS A 101 10.12 7.98 18.39
CA LYS A 101 11.25 8.91 18.12
CA LYS A 101 11.27 8.87 18.14
C LYS A 101 11.93 8.64 16.77
N MSE A 102 12.18 7.38 16.45
CA MSE A 102 12.79 6.99 15.17
C MSE A 102 11.88 7.31 13.95
O MSE A 102 12.37 7.68 12.89
CB MSE A 102 13.06 5.48 15.16
CG MSE A 102 14.25 5.08 16.00
SE MSE A 102 14.50 3.15 16.12
CE MSE A 102 15.41 2.88 14.47
N ILE A 103 10.58 7.12 14.09
CA ILE A 103 9.64 7.47 13.01
C ILE A 103 9.75 8.97 12.72
N LEU A 104 9.60 9.79 13.77
CA LEU A 104 9.64 11.26 13.60
C LEU A 104 10.98 11.76 13.12
N ASP A 105 12.07 11.07 13.48
CA ASP A 105 13.41 11.45 12.96
C ASP A 105 13.46 11.25 11.45
N ARG A 106 12.74 10.24 10.94
CA ARG A 106 12.75 9.90 9.51
C ARG A 106 11.63 10.58 8.70
N ALA A 107 10.53 10.91 9.39
CA ALA A 107 9.37 11.56 8.74
C ALA A 107 9.71 12.97 8.35
N PRO A 108 8.95 13.55 7.40
CA PRO A 108 9.11 14.96 6.97
C PRO A 108 9.11 15.92 8.18
N LYS A 109 9.85 17.03 8.09
CA LYS A 109 10.03 17.90 9.26
C LYS A 109 8.82 18.58 9.87
N ASN A 110 7.70 18.68 9.16
CA ASN A 110 6.49 19.33 9.73
C ASN A 110 5.64 18.38 10.63
N MSE A 111 6.17 17.17 10.82
CA MSE A 111 5.51 16.11 11.57
C MSE A 111 5.83 16.31 13.05
O MSE A 111 6.92 16.75 13.39
CB MSE A 111 6.00 14.77 11.08
CG MSE A 111 5.44 14.20 9.73
SE MSE A 111 3.46 14.40 9.57
CE MSE A 111 3.81 15.98 8.28
N SER A 112 4.87 15.97 13.92
CA SER A 112 5.02 16.19 15.34
C SER A 112 4.97 14.92 16.18
N LYS A 113 3.91 14.14 16.01
CA LYS A 113 3.65 12.95 16.80
C LYS A 113 3.17 11.80 15.92
N VAL A 114 3.32 10.58 16.41
CA VAL A 114 2.75 9.39 15.74
C VAL A 114 1.88 8.64 16.73
N TYR A 115 0.67 8.24 16.28
CA TYR A 115 -0.27 7.37 17.03
C TYR A 115 -0.21 5.98 16.36
N PHE A 116 -0.06 4.93 17.17
CA PHE A 116 0.12 3.58 16.67
C PHE A 116 -1.16 2.74 16.52
N GLY A 117 -1.35 2.17 15.34
CA GLY A 117 -2.46 1.22 15.13
C GLY A 117 -1.90 -0.17 14.82
N LEU A 118 -2.73 -1.02 14.22
CA LEU A 118 -2.34 -2.40 13.87
C LEU A 118 -2.16 -2.61 12.36
N GLY A 119 -2.92 -1.88 11.53
CA GLY A 119 -2.83 -1.95 10.08
C GLY A 119 -3.14 -0.63 9.40
N GLY A 120 -2.91 -0.58 8.09
CA GLY A 120 -3.16 0.61 7.29
C GLY A 120 -4.60 1.07 7.34
N SER A 121 -5.56 0.15 7.32
CA SER A 121 -6.97 0.55 7.38
C SER A 121 -7.35 1.24 8.67
N ASP A 122 -6.91 0.70 9.81
CA ASP A 122 -7.25 1.35 11.06
C ASP A 122 -6.55 2.66 11.19
N ALA A 123 -5.35 2.82 10.58
CA ALA A 123 -4.62 4.10 10.61
C ALA A 123 -5.35 5.20 9.82
N ASN A 124 -5.91 4.84 8.66
CA ASN A 124 -6.76 5.78 7.89
C ASN A 124 -8.11 6.04 8.62
N GLU A 125 -8.62 5.05 9.34
CA GLU A 125 -9.85 5.24 10.14
C GLU A 125 -9.56 6.33 11.23
N THR A 126 -8.44 6.16 11.92
CA THR A 126 -7.95 7.10 12.92
C THR A 126 -7.79 8.47 12.31
N ASN A 127 -7.22 8.54 11.10
CA ASN A 127 -6.99 9.81 10.38
C ASN A 127 -8.29 10.61 10.14
N VAL A 128 -9.34 9.92 9.73
CA VAL A 128 -10.62 10.57 9.45
C VAL A 128 -11.22 11.05 10.79
N LYS A 129 -11.21 10.18 11.79
CA LYS A 129 -11.75 10.54 13.11
C LYS A 129 -11.08 11.80 13.63
N LEU A 130 -9.74 11.91 13.45
CA LEU A 130 -8.97 13.06 13.92
C LEU A 130 -9.27 14.30 13.08
N ILE A 131 -9.53 14.11 11.78
CA ILE A 131 -9.93 15.21 10.89
C ILE A 131 -11.29 15.79 11.33
N TRP A 132 -12.22 14.94 11.74
CA TRP A 132 -13.50 15.43 12.20
C TRP A 132 -13.38 16.14 13.55
N TYR A 133 -12.50 15.65 14.42
CA TYR A 133 -12.28 16.24 15.74
C TYR A 133 -11.67 17.64 15.57
N TYR A 134 -10.65 17.69 14.75
CA TYR A 134 -9.95 18.87 14.36
C TYR A 134 -10.89 20.00 13.92
N ASN A 135 -11.80 19.68 13.02
CA ASN A 135 -12.75 20.67 12.50
C ASN A 135 -13.74 21.08 13.54
N ASN A 136 -14.15 20.12 14.37
CA ASN A 136 -14.99 20.41 15.50
C ASN A 136 -14.32 21.34 16.49
N ILE A 137 -13.07 21.07 16.84
CA ILE A 137 -12.33 21.93 17.77
C ILE A 137 -12.17 23.36 17.22
N LEU A 138 -11.99 23.48 15.91
CA LEU A 138 -11.91 24.77 15.22
C LEU A 138 -13.29 25.44 14.97
N GLY A 139 -14.39 24.85 15.39
CA GLY A 139 -15.68 25.49 15.15
C GLY A 139 -16.19 25.46 13.72
N ARG A 140 -15.95 24.34 13.02
CA ARG A 140 -16.40 24.11 11.66
C ARG A 140 -17.11 22.76 11.51
N PRO A 141 -18.24 22.59 12.19
CA PRO A 141 -19.03 21.37 12.14
C PRO A 141 -19.41 20.87 10.72
N GLU A 142 -19.45 21.79 9.75
CA GLU A 142 -19.77 21.44 8.36
C GLU A 142 -18.56 20.93 7.53
N LYS A 143 -17.35 21.30 7.92
CA LYS A 143 -16.14 20.95 7.18
C LYS A 143 -15.65 19.54 7.54
N LYS A 144 -16.28 18.54 6.87
CA LYS A 144 -16.05 17.16 7.13
C LYS A 144 -15.86 16.20 5.95
N LYS A 145 -16.26 16.59 4.75
CA LYS A 145 -16.16 15.65 3.62
C LYS A 145 -14.72 15.29 3.30
N ILE A 146 -14.48 14.04 2.89
CA ILE A 146 -13.16 13.59 2.46
C ILE A 146 -13.13 13.28 0.97
N ILE A 147 -12.25 13.96 0.24
CA ILE A 147 -12.03 13.73 -1.20
C ILE A 147 -10.93 12.64 -1.35
N SER A 148 -11.30 11.57 -2.07
CA SER A 148 -10.41 10.49 -2.43
C SER A 148 -10.36 10.45 -3.96
N ARG A 149 -9.73 9.43 -4.53
CA ARG A 149 -9.62 9.33 -5.99
C ARG A 149 -10.05 7.95 -6.48
N TRP A 150 -10.61 7.93 -7.69
CA TRP A 150 -10.90 6.66 -8.30
C TRP A 150 -9.54 5.95 -8.47
N ARG A 151 -9.55 4.65 -8.19
CA ARG A 151 -8.39 3.76 -8.22
C ARG A 151 -7.44 3.86 -7.01
N GLY A 152 -7.78 4.72 -6.05
CA GLY A 152 -7.03 4.76 -4.80
C GLY A 152 -7.35 3.51 -3.98
N TYR A 153 -6.39 3.12 -3.13
CA TYR A 153 -6.57 2.04 -2.18
C TYR A 153 -6.13 2.59 -0.81
N HIS A 154 -7.08 2.58 0.13
CA HIS A 154 -6.91 3.16 1.47
C HIS A 154 -7.40 2.27 2.60
N GLY A 155 -7.78 1.04 2.23
CA GLY A 155 -8.25 0.05 3.14
C GLY A 155 -9.48 -0.68 2.73
N SER A 156 -9.85 -1.61 3.60
CA SER A 156 -10.92 -2.55 3.36
C SER A 156 -12.07 -2.50 4.39
N GLY A 157 -12.16 -1.39 5.13
CA GLY A 157 -13.27 -1.23 6.05
C GLY A 157 -14.42 -0.49 5.39
N LEU A 158 -15.36 -0.07 6.23
CA LEU A 158 -16.55 0.65 5.78
C LEU A 158 -16.19 2.10 5.33
N VAL A 159 -15.64 2.91 6.22
CA VAL A 159 -15.20 4.27 5.83
C VAL A 159 -13.91 4.22 4.99
N THR A 160 -12.99 3.32 5.33
CA THR A 160 -11.70 3.25 4.60
C THR A 160 -11.95 2.61 3.22
N GLY A 161 -12.86 1.63 3.15
CA GLY A 161 -13.23 1.08 1.83
C GLY A 161 -13.99 2.07 0.96
N SER A 162 -14.58 3.10 1.54
CA SER A 162 -15.24 4.17 0.80
C SER A 162 -14.16 5.08 0.22
N LEU A 163 -13.08 5.31 1.00
CA LEU A 163 -11.97 6.15 0.52
C LEU A 163 -11.34 5.47 -0.69
N THR A 164 -11.21 4.16 -0.57
CA THR A 164 -10.73 3.29 -1.64
C THR A 164 -11.66 3.53 -2.87
N GLY A 165 -11.07 3.49 -4.07
CA GLY A 165 -11.80 3.80 -5.29
C GLY A 165 -11.84 2.64 -6.25
N LEU A 166 -11.91 1.43 -5.71
CA LEU A 166 -11.91 0.24 -6.53
C LEU A 166 -13.20 -0.47 -6.21
N GLU A 167 -13.95 -0.82 -7.25
CA GLU A 167 -15.28 -1.38 -7.08
C GLU A 167 -15.34 -2.70 -6.32
N LEU A 168 -14.25 -3.44 -6.30
CA LEU A 168 -14.21 -4.73 -5.51
C LEU A 168 -14.56 -4.53 -4.02
N PHE A 169 -14.15 -3.41 -3.48
CA PHE A 169 -14.36 -3.02 -2.09
C PHE A 169 -15.64 -2.24 -1.87
N HIS A 170 -16.44 -2.02 -2.92
CA HIS A 170 -17.70 -1.26 -2.86
C HIS A 170 -18.97 -2.07 -3.11
N LYS A 171 -18.95 -2.78 -4.24
CA LYS A 171 -20.07 -3.59 -4.73
CA LYS A 171 -20.09 -3.57 -4.70
C LYS A 171 -20.49 -4.62 -3.69
N LYS A 172 -21.79 -4.63 -3.38
CA LYS A 172 -22.40 -5.52 -2.41
C LYS A 172 -22.14 -5.13 -0.93
N PHE A 173 -21.36 -4.06 -0.70
CA PHE A 173 -21.05 -3.54 0.65
C PHE A 173 -21.69 -2.15 0.97
N ASP A 174 -22.42 -1.58 0.01
CA ASP A 174 -23.15 -0.31 0.15
C ASP A 174 -22.21 0.88 0.27
N LEU A 175 -21.06 0.81 -0.36
CA LEU A 175 -20.07 1.87 -0.27
C LEU A 175 -19.90 2.44 -1.66
N PRO A 176 -19.34 3.66 -1.77
CA PRO A 176 -18.89 4.49 -0.68
C PRO A 176 -19.99 5.17 0.14
N VAL A 177 -19.70 5.43 1.41
CA VAL A 177 -20.58 6.20 2.29
C VAL A 177 -20.65 7.65 1.76
N GLU A 178 -21.69 8.40 2.13
CA GLU A 178 -21.95 9.73 1.57
CA GLU A 178 -21.94 9.74 1.60
C GLU A 178 -20.86 10.76 1.91
N GLN A 179 -20.15 10.58 3.02
CA GLN A 179 -19.10 11.55 3.44
C GLN A 179 -17.80 11.58 2.58
N VAL A 180 -17.65 10.59 1.69
CA VAL A 180 -16.50 10.45 0.82
C VAL A 180 -16.93 10.73 -0.61
N ILE A 181 -16.23 11.60 -1.28
CA ILE A 181 -16.48 11.94 -2.67
C ILE A 181 -15.16 11.65 -3.44
N HIS A 182 -15.25 11.17 -4.69
CA HIS A 182 -14.05 10.82 -5.47
C HIS A 182 -13.84 11.74 -6.65
N THR A 183 -12.58 12.01 -6.92
CA THR A 183 -12.16 12.80 -8.07
C THR A 183 -11.33 11.89 -9.00
N GLU A 184 -10.77 12.48 -10.05
CA GLU A 184 -10.05 11.77 -11.11
C GLU A 184 -8.88 10.87 -10.67
N ALA A 185 -8.82 9.67 -11.24
CA ALA A 185 -7.70 8.77 -11.02
C ALA A 185 -6.48 9.49 -11.61
N PRO A 186 -5.34 9.54 -10.88
CA PRO A 186 -4.10 10.23 -11.37
C PRO A 186 -3.28 9.25 -12.23
N TYR A 187 -3.93 8.87 -13.33
CA TYR A 187 -3.54 7.77 -14.21
C TYR A 187 -3.57 8.24 -15.68
N TYR A 188 -2.46 8.80 -16.13
CA TYR A 188 -2.32 9.36 -17.48
C TYR A 188 -2.59 8.36 -18.63
N PHE A 189 -2.15 7.12 -18.45
CA PHE A 189 -2.38 6.08 -19.43
C PHE A 189 -3.86 5.74 -19.68
N ARG A 190 -4.74 5.98 -18.71
CA ARG A 190 -6.16 5.68 -18.88
C ARG A 190 -7.02 6.92 -19.12
N ARG A 191 -6.40 8.04 -19.43
CA ARG A 191 -7.13 9.27 -19.64
C ARG A 191 -8.18 9.15 -20.72
N GLU A 192 -9.36 9.73 -20.45
CA GLU A 192 -10.49 9.76 -21.37
C GLU A 192 -10.06 10.33 -22.73
N ASP A 193 -9.32 11.45 -22.73
CA ASP A 193 -8.89 12.13 -23.96
C ASP A 193 -7.42 11.88 -24.31
N LEU A 194 -7.20 10.95 -25.24
CA LEU A 194 -5.87 10.58 -25.70
C LEU A 194 -5.03 11.73 -26.30
N ASN A 195 -5.67 12.83 -26.69
CA ASN A 195 -4.93 13.99 -27.25
C ASN A 195 -4.25 14.88 -26.24
N GLN A 196 -4.55 14.66 -24.96
CA GLN A 196 -3.96 15.42 -23.88
C GLN A 196 -2.53 14.99 -23.65
N THR A 197 -1.66 15.99 -23.58
CA THR A 197 -0.30 15.80 -23.20
C THR A 197 -0.37 15.58 -21.69
N GLU A 198 0.75 15.27 -21.09
CA GLU A 198 0.76 15.01 -19.67
C GLU A 198 0.40 16.28 -18.91
N GLU A 199 0.83 17.43 -19.42
CA GLU A 199 0.54 18.70 -18.77
C GLU A 199 -0.96 19.05 -18.86
N GLN A 200 -1.57 18.67 -19.99
CA GLN A 200 -2.99 18.90 -20.23
C GLN A 200 -3.81 18.01 -19.35
N PHE A 201 -3.35 16.80 -19.11
CA PHE A 201 -4.05 15.87 -18.22
C PHE A 201 -3.99 16.39 -16.79
N VAL A 202 -2.84 16.91 -16.37
CA VAL A 202 -2.74 17.53 -15.04
C VAL A 202 -3.72 18.70 -14.94
N ALA A 203 -3.81 19.53 -15.99
CA ALA A 203 -4.73 20.64 -16.00
C ALA A 203 -6.20 20.16 -15.89
N HIS A 204 -6.46 19.01 -16.50
CA HIS A 204 -7.77 18.42 -16.49
C HIS A 204 -8.13 17.94 -15.09
N CYS A 205 -7.16 17.34 -14.40
CA CYS A 205 -7.33 16.88 -13.04
C CYS A 205 -7.57 18.08 -12.14
N VAL A 206 -6.84 19.17 -12.36
CA VAL A 206 -7.10 20.38 -11.59
C VAL A 206 -8.56 20.83 -11.80
N ALA A 207 -9.00 20.92 -13.05
CA ALA A 207 -10.37 21.38 -13.36
C ALA A 207 -11.41 20.45 -12.73
N GLU A 208 -11.17 19.15 -12.78
CA GLU A 208 -12.06 18.16 -12.17
C GLU A 208 -12.19 18.37 -10.65
N LEU A 209 -11.05 18.62 -10.00
CA LEU A 209 -11.03 18.89 -8.57
C LEU A 209 -11.80 20.16 -8.26
N GLU A 210 -11.53 21.23 -9.00
CA GLU A 210 -12.23 22.50 -8.82
C GLU A 210 -13.74 22.36 -9.01
N ALA A 211 -14.16 21.51 -9.95
CA ALA A 211 -15.60 21.31 -10.24
C ALA A 211 -16.30 20.59 -9.06
N LEU A 212 -15.57 19.66 -8.44
CA LEU A 212 -16.08 18.92 -7.31
C LEU A 212 -16.23 19.81 -6.08
N ILE A 213 -15.22 20.64 -5.84
CA ILE A 213 -15.16 21.58 -4.71
C ILE A 213 -16.28 22.63 -4.86
N GLU A 214 -16.42 23.10 -6.08
CA GLU A 214 -17.45 24.08 -6.44
C GLU A 214 -18.83 23.49 -6.18
N ARG A 215 -19.05 22.25 -6.60
CA ARG A 215 -20.33 21.60 -6.40
C ARG A 215 -20.62 21.31 -4.91
N GLU A 216 -19.65 20.77 -4.19
CA GLU A 216 -19.87 20.43 -2.78
C GLU A 216 -19.81 21.63 -1.86
N GLY A 217 -18.99 22.60 -2.21
CA GLY A 217 -18.75 23.74 -1.34
C GLY A 217 -17.50 23.48 -0.49
N ALA A 218 -16.49 24.30 -0.68
CA ALA A 218 -15.21 24.16 0.05
C ALA A 218 -15.34 24.15 1.56
N ASP A 219 -16.33 24.89 2.06
CA ASP A 219 -16.55 24.97 3.49
C ASP A 219 -17.06 23.66 4.06
N THR A 220 -17.46 22.72 3.20
CA THR A 220 -17.89 21.41 3.63
C THR A 220 -16.81 20.34 3.47
N ILE A 221 -15.65 20.67 2.91
CA ILE A 221 -14.58 19.67 2.62
C ILE A 221 -13.37 19.88 3.52
N ALA A 222 -13.11 18.84 4.33
CA ALA A 222 -12.02 18.78 5.30
C ALA A 222 -10.64 18.37 4.79
N ALA A 223 -10.60 17.35 3.91
CA ALA A 223 -9.35 16.72 3.52
C ALA A 223 -9.39 16.06 2.16
N PHE A 224 -8.18 15.90 1.60
CA PHE A 224 -7.90 15.15 0.36
C PHE A 224 -6.91 13.98 0.69
N ILE A 225 -7.32 12.74 0.47
CA ILE A 225 -6.43 11.58 0.70
C ILE A 225 -5.85 11.06 -0.64
N GLY A 226 -4.50 10.96 -0.69
CA GLY A 226 -3.85 10.35 -1.83
C GLY A 226 -2.57 9.58 -1.54
N GLU A 227 -2.39 8.42 -2.20
CA GLU A 227 -1.12 7.69 -2.21
C GLU A 227 -0.22 8.52 -3.14
N PRO A 228 1.06 8.73 -2.81
CA PRO A 228 1.90 9.49 -3.74
C PRO A 228 2.01 8.89 -5.16
N ILE A 229 2.04 7.55 -5.19
CA ILE A 229 2.10 6.71 -6.38
C ILE A 229 1.03 5.67 -6.09
N LEU A 230 0.12 5.40 -7.04
CA LEU A 230 -0.92 4.38 -6.79
C LEU A 230 -0.29 3.03 -6.67
N GLY A 231 -0.79 2.22 -5.72
CA GLY A 231 -0.32 0.85 -5.51
C GLY A 231 -1.31 -0.15 -6.08
N THR A 232 -2.25 -0.55 -5.25
CA THR A 232 -3.25 -1.55 -5.65
C THR A 232 -4.09 -1.15 -6.87
N GLY A 233 -4.28 0.17 -7.06
CA GLY A 233 -4.98 0.70 -8.23
C GLY A 233 -4.23 0.62 -9.55
N GLY A 234 -3.01 0.05 -9.53
CA GLY A 234 -2.23 -0.27 -10.74
C GLY A 234 -0.76 0.11 -10.85
N ILE A 235 -0.08 0.41 -9.72
CA ILE A 235 1.33 0.82 -9.72
C ILE A 235 1.48 1.94 -10.72
N VAL A 236 0.90 3.08 -10.35
CA VAL A 236 0.81 4.21 -11.27
C VAL A 236 1.51 5.46 -10.75
N PRO A 237 2.68 5.75 -11.30
CA PRO A 237 3.30 6.98 -10.87
C PRO A 237 2.46 8.19 -11.25
N PRO A 238 2.53 9.26 -10.45
CA PRO A 238 1.73 10.42 -10.75
C PRO A 238 2.29 11.17 -11.95
N PRO A 239 1.44 11.86 -12.72
CA PRO A 239 1.99 12.63 -13.83
C PRO A 239 2.93 13.71 -13.37
N ALA A 240 3.82 14.14 -14.25
CA ALA A 240 4.73 15.24 -13.93
C ALA A 240 3.90 16.51 -13.66
N GLY A 241 4.26 17.19 -12.58
CA GLY A 241 3.61 18.41 -12.15
C GLY A 241 2.26 18.22 -11.46
N TYR A 242 1.80 16.98 -11.32
CA TYR A 242 0.50 16.69 -10.73
C TYR A 242 0.35 17.14 -9.27
N TRP A 243 1.29 16.75 -8.43
CA TRP A 243 1.21 17.01 -7.00
C TRP A 243 1.36 18.50 -6.72
N GLU A 244 2.16 19.21 -7.52
CA GLU A 244 2.29 20.68 -7.38
C GLU A 244 0.93 21.37 -7.69
N ALA A 245 0.35 21.01 -8.84
CA ALA A 245 -0.97 21.52 -9.29
C ALA A 245 -2.11 21.24 -8.29
N ILE A 246 -2.19 20.00 -7.82
CA ILE A 246 -3.22 19.60 -6.84
C ILE A 246 -3.11 20.37 -5.51
N GLN A 247 -1.89 20.51 -4.98
CA GLN A 247 -1.71 21.21 -3.70
C GLN A 247 -2.05 22.69 -3.78
N THR A 248 -1.88 23.28 -4.95
CA THR A 248 -2.25 24.68 -5.17
C THR A 248 -3.75 24.85 -4.94
N VAL A 249 -4.54 23.88 -5.42
CA VAL A 249 -6.01 23.90 -5.23
C VAL A 249 -6.37 23.66 -3.79
N LEU A 250 -5.74 22.68 -3.16
CA LEU A 250 -6.00 22.37 -1.76
C LEU A 250 -5.67 23.55 -0.84
N ASN A 251 -4.54 24.22 -1.06
CA ASN A 251 -4.22 25.39 -0.24
C ASN A 251 -5.26 26.50 -0.36
N LYS A 252 -5.62 26.81 -1.60
CA LYS A 252 -6.59 27.86 -1.93
C LYS A 252 -7.91 27.68 -1.20
N HIS A 253 -8.33 26.43 -1.06
CA HIS A 253 -9.59 26.09 -0.44
C HIS A 253 -9.51 25.59 1.03
N ASP A 254 -8.32 25.62 1.63
CA ASP A 254 -8.14 25.17 3.04
C ASP A 254 -8.57 23.72 3.36
N ILE A 255 -8.15 22.84 2.48
CA ILE A 255 -8.38 21.42 2.53
C ILE A 255 -7.08 20.71 2.95
N LEU A 256 -7.12 19.92 4.03
CA LEU A 256 -5.95 19.18 4.50
C LEU A 256 -5.50 18.10 3.46
N LEU A 257 -4.21 17.79 3.43
CA LEU A 257 -3.67 16.73 2.60
C LEU A 257 -3.23 15.56 3.48
N VAL A 258 -3.80 14.39 3.20
CA VAL A 258 -3.38 13.14 3.85
C VAL A 258 -2.60 12.33 2.82
N ALA A 259 -1.29 12.14 3.06
CA ALA A 259 -0.43 11.28 2.25
C ALA A 259 -0.54 9.85 2.79
N ASP A 260 -1.17 8.97 2.02
CA ASP A 260 -1.28 7.57 2.40
C ASP A 260 0.01 6.89 1.93
N GLU A 261 0.97 6.78 2.87
CA GLU A 261 2.24 6.17 2.59
C GLU A 261 2.38 4.74 3.11
N VAL A 262 1.31 3.99 3.11
CA VAL A 262 1.33 2.60 3.57
C VAL A 262 2.29 1.71 2.72
N VAL A 263 2.33 1.95 1.40
CA VAL A 263 3.22 1.25 0.51
C VAL A 263 4.57 1.96 0.36
N THR A 264 4.53 3.27 0.20
CA THR A 264 5.74 4.05 -0.06
C THR A 264 6.59 4.43 1.18
N GLY A 265 6.00 4.31 2.36
CA GLY A 265 6.70 4.66 3.60
C GLY A 265 7.86 3.73 3.91
N PHE A 266 9.02 4.36 4.17
CA PHE A 266 10.26 3.68 4.56
C PHE A 266 11.08 3.03 3.43
N GLY A 267 11.18 3.77 2.32
CA GLY A 267 12.14 3.47 1.25
C GLY A 267 11.86 2.86 -0.10
N ARG A 268 10.64 2.39 -0.37
CA ARG A 268 10.40 1.64 -1.63
C ARG A 268 10.75 2.35 -2.95
N LEU A 269 10.60 3.67 -2.97
CA LEU A 269 10.94 4.50 -4.11
C LEU A 269 12.44 4.85 -4.17
N GLY A 270 13.18 4.50 -3.12
CA GLY A 270 14.56 4.85 -3.06
C GLY A 270 14.75 6.13 -2.28
N THR A 271 13.70 6.59 -1.60
CA THR A 271 13.69 7.78 -0.74
C THR A 271 12.90 7.35 0.50
N MSE A 272 13.30 7.75 1.70
CA MSE A 272 12.62 7.22 2.92
C MSE A 272 11.07 7.43 2.89
O MSE A 272 10.31 6.51 3.20
CB MSE A 272 13.27 7.78 4.21
CG MSE A 272 12.72 7.16 5.49
SE MSE A 272 13.48 5.44 5.73
CE MSE A 272 15.37 6.18 6.33
N PHE A 273 10.62 8.63 2.54
CA PHE A 273 9.17 8.92 2.36
C PHE A 273 8.81 9.34 0.92
N GLY A 274 7.72 8.77 0.40
CA GLY A 274 7.20 9.11 -0.93
C GLY A 274 6.70 10.55 -0.93
N SER A 275 6.30 11.08 0.23
CA SER A 275 5.94 12.50 0.31
C SER A 275 7.11 13.38 -0.10
N ASP A 276 8.29 13.04 0.39
CA ASP A 276 9.50 13.75 0.08
C ASP A 276 9.95 13.53 -1.37
N HIS A 277 9.80 12.29 -1.82
CA HIS A 277 10.14 11.90 -3.17
C HIS A 277 9.34 12.65 -4.20
N TYR A 278 8.02 12.68 -4.03
CA TYR A 278 7.15 13.33 -5.02
C TYR A 278 6.82 14.82 -4.72
N GLY A 279 7.31 15.31 -3.58
CA GLY A 279 7.13 16.71 -3.19
C GLY A 279 5.79 17.09 -2.59
N LEU A 280 5.20 16.22 -1.76
CA LEU A 280 3.93 16.50 -1.08
C LEU A 280 4.16 17.17 0.25
N GLU A 281 3.26 18.08 0.66
CA GLU A 281 3.35 18.77 1.96
C GLU A 281 2.11 18.30 2.77
N PRO A 282 2.15 17.05 3.24
CA PRO A 282 0.99 16.54 3.95
C PRO A 282 0.91 17.02 5.39
N ASP A 283 -0.31 17.02 5.92
CA ASP A 283 -0.56 17.35 7.31
C ASP A 283 -0.77 16.11 8.19
N ILE A 284 -1.00 15.01 7.51
CA ILE A 284 -1.22 13.70 8.13
C ILE A 284 -0.63 12.65 7.19
N ILE A 285 0.14 11.71 7.74
CA ILE A 285 0.73 10.63 6.96
C ILE A 285 0.36 9.27 7.57
N THR A 286 -0.09 8.37 6.69
CA THR A 286 -0.45 7.02 7.05
C THR A 286 0.78 6.11 6.77
N ILE A 287 1.07 5.23 7.72
CA ILE A 287 2.18 4.26 7.57
C ILE A 287 1.76 2.89 8.12
N ALA A 288 2.38 1.83 7.61
CA ALA A 288 2.15 0.39 7.97
C ALA A 288 3.13 -0.44 7.11
N1 LLP A 289 -3.59 2.06 2.37
C2 LLP A 289 -2.68 1.74 1.37
C2' LLP A 289 -2.18 2.77 0.43
C3 LLP A 289 -2.22 0.42 1.24
O3 LLP A 289 -1.41 0.19 0.32
C4 LLP A 289 -2.68 -0.59 2.13
C4' LLP A 289 -2.21 -2.03 2.00
C5 LLP A 289 -3.61 -0.23 3.14
C6 LLP A 289 -4.05 1.09 3.25
C5' LLP A 289 -4.17 -1.24 4.13
OP4 LLP A 289 -3.37 -1.79 5.21
P LLP A 289 -3.88 -3.14 5.97
OP1 LLP A 289 -4.08 -4.11 4.89
OP2 LLP A 289 -2.75 -3.39 6.91
OP3 LLP A 289 -5.16 -2.74 6.62
N LLP A 289 2.81 -1.72 6.83
CA LLP A 289 3.64 -2.62 5.96
CB LLP A 289 3.27 -2.41 4.47
CG LLP A 289 1.84 -2.92 4.17
CD LLP A 289 1.29 -2.58 2.77
CE LLP A 289 -0.19 -2.99 2.68
NZ LLP A 289 -0.94 -2.24 1.63
C LLP A 289 5.17 -2.56 6.25
O LLP A 289 5.68 -3.31 7.10
N LYS A 289 2.81 -1.72 6.83
CA LYS A 289 3.65 -2.61 5.96
C LYS A 289 5.17 -2.56 6.25
N GLY A 290 5.88 -1.65 5.56
CA GLY A 290 7.30 -1.42 5.64
C GLY A 290 7.82 -0.81 6.92
N LEU A 291 6.92 -0.41 7.80
CA LEU A 291 7.28 0.00 9.14
C LEU A 291 7.99 -1.15 9.93
N THR A 292 7.41 -2.36 9.86
CA THR A 292 7.94 -3.55 10.49
C THR A 292 8.39 -4.64 9.50
N SER A 293 8.28 -4.34 8.19
CA SER A 293 8.50 -5.28 7.11
C SER A 293 7.62 -6.52 7.30
N ALA A 294 6.42 -6.28 7.83
CA ALA A 294 5.41 -7.29 8.12
C ALA A 294 5.79 -8.32 9.20
N TYR A 295 6.95 -8.16 9.86
CA TYR A 295 7.44 -9.13 10.91
C TYR A 295 6.48 -9.23 12.10
N ALA A 296 5.86 -8.11 12.40
CA ALA A 296 4.81 -7.96 13.38
C ALA A 296 3.82 -6.85 12.94
N PRO A 297 2.53 -7.04 13.22
CA PRO A 297 1.56 -6.02 12.85
C PRO A 297 1.80 -4.71 13.60
N LEU A 298 1.65 -3.61 12.89
CA LEU A 298 1.79 -2.24 13.43
C LEU A 298 1.48 -1.25 12.32
N SER A 299 0.87 -0.14 12.69
CA SER A 299 0.63 0.93 11.75
C SER A 299 0.89 2.27 12.46
N GLY A 300 0.70 3.34 11.73
CA GLY A 300 0.90 4.67 12.29
C GLY A 300 0.14 5.77 11.59
N SER A 301 -0.27 6.76 12.37
CA SER A 301 -0.86 8.00 11.90
C SER A 301 0.09 9.12 12.35
N ILE A 302 0.84 9.67 11.44
CA ILE A 302 1.74 10.75 11.76
C ILE A 302 0.97 12.07 11.55
N VAL A 303 1.01 12.97 12.54
CA VAL A 303 0.29 14.25 12.51
C VAL A 303 1.27 15.43 12.60
N SER A 304 0.95 16.46 11.85
CA SER A 304 1.80 17.63 11.79
C SER A 304 1.62 18.52 13.01
N ASP A 305 2.52 19.48 13.16
CA ASP A 305 2.44 20.47 14.22
C ASP A 305 1.13 21.25 14.19
N LYS A 306 0.64 21.51 12.99
CA LYS A 306 -0.60 22.23 12.78
C LYS A 306 -1.79 21.47 13.37
N VAL A 307 -1.87 20.19 13.05
CA VAL A 307 -2.95 19.38 13.53
C VAL A 307 -2.77 19.19 15.03
N TRP A 308 -1.53 18.89 15.46
CA TRP A 308 -1.22 18.65 16.86
C TRP A 308 -1.59 19.81 17.80
N LYS A 309 -1.42 21.03 17.34
CA LYS A 309 -1.74 22.19 18.12
C LYS A 309 -3.25 22.22 18.42
N VAL A 310 -4.07 21.87 17.42
CA VAL A 310 -5.52 21.83 17.59
C VAL A 310 -5.94 20.64 18.48
N LEU A 311 -5.23 19.51 18.36
CA LEU A 311 -5.48 18.36 19.20
C LEU A 311 -5.13 18.69 20.65
N GLU A 312 -4.08 19.50 20.85
CA GLU A 312 -3.72 19.90 22.22
C GLU A 312 -4.84 20.79 22.78
N GLN A 313 -5.33 21.74 21.97
CA GLN A 313 -6.44 22.60 22.35
C GLN A 313 -7.68 21.80 22.70
N GLY A 314 -8.01 20.81 21.85
CA GLY A 314 -9.16 19.96 22.10
C GLY A 314 -9.11 19.21 23.42
N THR A 315 -7.93 18.67 23.76
CA THR A 315 -7.76 17.94 25.01
C THR A 315 -7.80 18.91 26.22
N ASP A 316 -7.20 20.08 26.09
CA ASP A 316 -7.34 21.12 27.13
C ASP A 316 -8.81 21.45 27.38
N GLU A 317 -9.62 21.52 26.34
CA GLU A 317 -11.03 21.85 26.49
C GLU A 317 -11.91 20.69 26.89
N ASN A 318 -11.60 19.50 26.41
CA ASN A 318 -12.50 18.36 26.58
C ASN A 318 -11.96 17.17 27.39
N GLY A 319 -10.71 17.25 27.80
CA GLY A 319 -10.09 16.14 28.53
C GLY A 319 -9.48 15.10 27.57
N PRO A 320 -9.07 13.94 28.13
CA PRO A 320 -8.40 12.89 27.36
C PRO A 320 -9.13 12.54 26.04
N ILE A 321 -8.35 12.40 24.96
CA ILE A 321 -8.88 12.04 23.64
C ILE A 321 -9.66 10.72 23.76
N GLY A 322 -10.87 10.73 23.22
CA GLY A 322 -11.76 9.55 23.20
C GLY A 322 -11.46 8.62 22.04
N HIS A 323 -10.23 8.11 22.02
CA HIS A 323 -9.79 7.21 20.94
C HIS A 323 -8.72 6.31 21.47
N GLY A 324 -8.93 5.01 21.32
CA GLY A 324 -7.89 4.09 21.69
C GLY A 324 -8.15 2.69 21.25
N TRP A 325 -7.08 1.99 20.91
CA TRP A 325 -7.12 0.59 20.57
C TRP A 325 -6.38 -0.13 21.67
N THR A 326 -6.92 -1.26 22.12
CA THR A 326 -6.25 -2.07 23.13
C THR A 326 -4.78 -2.30 22.73
N TYR A 327 -4.56 -2.65 21.47
CA TYR A 327 -3.23 -3.03 21.03
C TYR A 327 -2.42 -1.92 20.43
N SER A 328 -2.81 -0.68 20.70
CA SER A 328 -2.07 0.53 20.23
C SER A 328 -0.71 0.49 20.90
N ALA A 329 0.33 0.66 20.07
CA ALA A 329 1.72 0.63 20.52
C ALA A 329 2.16 -0.77 21.07
N HIS A 330 1.51 -1.87 20.64
CA HIS A 330 1.83 -3.23 21.11
C HIS A 330 3.34 -3.41 21.07
N PRO A 331 3.96 -3.76 22.23
CA PRO A 331 5.43 -3.85 22.34
C PRO A 331 6.15 -4.75 21.30
N ILE A 332 5.50 -5.83 20.86
CA ILE A 332 6.07 -6.73 19.86
C ILE A 332 6.11 -6.06 18.48
N GLY A 333 5.07 -5.31 18.14
CA GLY A 333 5.07 -4.55 16.90
C GLY A 333 6.12 -3.48 16.97
N ALA A 334 6.20 -2.80 18.11
CA ALA A 334 7.22 -1.74 18.31
C ALA A 334 8.67 -2.30 18.24
N ALA A 335 8.91 -3.39 18.96
CA ALA A 335 10.21 -4.08 18.95
C ALA A 335 10.58 -4.49 17.52
N ALA A 336 9.61 -5.11 16.79
CA ALA A 336 9.78 -5.48 15.36
C ALA A 336 10.12 -4.23 14.56
N GLY A 337 9.35 -3.17 14.76
CA GLY A 337 9.66 -1.90 14.08
C GLY A 337 11.01 -1.32 14.37
N VAL A 338 11.43 -1.31 15.63
CA VAL A 338 12.79 -0.73 15.93
C VAL A 338 13.93 -1.54 15.18
N ALA A 339 13.83 -2.87 15.23
CA ALA A 339 14.78 -3.78 14.60
C ALA A 339 14.79 -3.59 13.09
N ASN A 340 13.58 -3.46 12.53
CA ASN A 340 13.40 -3.28 11.10
C ASN A 340 14.02 -1.99 10.60
N LEU A 341 13.71 -0.87 11.24
CA LEU A 341 14.30 0.40 10.79
C LEU A 341 15.84 0.45 10.91
N LYS A 342 16.39 -0.15 11.97
CA LYS A 342 17.86 -0.26 12.12
C LYS A 342 18.45 -1.12 11.01
N LEU A 343 17.85 -2.26 10.71
CA LEU A 343 18.34 -3.14 9.65
C LEU A 343 18.29 -2.47 8.29
N LEU A 344 17.26 -1.65 8.07
CA LEU A 344 17.05 -0.94 6.81
C LEU A 344 18.25 -0.01 6.54
N ASP A 345 18.67 0.71 7.57
CA ASP A 345 19.84 1.60 7.50
C ASP A 345 21.15 0.81 7.41
N GLU A 346 21.32 -0.16 8.31
CA GLU A 346 22.52 -1.02 8.36
C GLU A 346 22.85 -1.70 6.99
N LEU A 347 21.85 -2.37 6.38
CA LEU A 347 22.01 -3.06 5.10
C LEU A 347 21.91 -2.14 3.87
N ASN A 348 21.84 -0.82 4.08
CA ASN A 348 21.76 0.17 2.98
C ASN A 348 20.65 -0.15 1.93
N LEU A 349 19.53 -0.71 2.41
CA LEU A 349 18.47 -1.19 1.53
C LEU A 349 17.60 -0.14 0.82
N VAL A 350 17.52 1.09 1.34
CA VAL A 350 16.76 2.14 0.67
C VAL A 350 17.47 2.51 -0.64
N SER A 351 18.79 2.59 -0.56
CA SER A 351 19.63 2.85 -1.70
C SER A 351 19.52 1.68 -2.70
N ASN A 352 19.45 0.45 -2.20
CA ASN A 352 19.32 -0.67 -3.10
C ASN A 352 17.95 -0.66 -3.83
N ALA A 353 16.89 -0.25 -3.13
CA ALA A 353 15.52 -0.16 -3.71
C ALA A 353 15.52 0.79 -4.91
N GLY A 354 16.19 1.93 -4.77
CA GLY A 354 16.29 2.92 -5.82
C GLY A 354 17.13 2.48 -7.01
N GLU A 355 18.25 1.81 -6.74
CA GLU A 355 19.17 1.30 -7.78
C GLU A 355 18.66 0.10 -8.51
N VAL A 356 18.37 -0.98 -7.80
CA VAL A 356 17.92 -2.17 -8.47
C VAL A 356 16.47 -1.97 -8.98
N GLY A 357 15.78 -1.00 -8.39
CA GLY A 357 14.43 -0.63 -8.82
C GLY A 357 14.53 0.11 -10.15
N ALA A 358 15.45 1.07 -10.26
CA ALA A 358 15.68 1.74 -11.55
C ALA A 358 16.10 0.74 -12.63
N TYR A 359 16.86 -0.28 -12.22
CA TYR A 359 17.29 -1.34 -13.11
C TYR A 359 16.13 -2.27 -13.52
N LEU A 360 15.27 -2.65 -12.57
CA LEU A 360 14.11 -3.51 -12.88
C LEU A 360 13.15 -2.81 -13.87
N ASN A 361 12.92 -1.52 -13.66
CA ASN A 361 12.06 -0.73 -14.51
C ASN A 361 12.63 -0.62 -15.92
N ALA A 362 13.90 -0.24 -16.04
CA ALA A 362 14.62 -0.08 -17.34
C ALA A 362 14.67 -1.33 -18.19
N THR A 363 15.04 -2.45 -17.57
CA THR A 363 15.14 -3.73 -18.26
C THR A 363 13.75 -4.33 -18.57
N MSE A 364 12.74 -4.08 -17.73
CA MSE A 364 11.41 -4.60 -18.00
C MSE A 364 10.80 -3.89 -19.19
O MSE A 364 10.10 -4.50 -20.00
CB MSE A 364 10.45 -4.44 -16.80
CG MSE A 364 9.09 -5.03 -17.01
SE MSE A 364 8.99 -6.97 -16.82
CE MSE A 364 9.33 -7.09 -14.87
N ALA A 365 11.04 -2.59 -19.27
CA ALA A 365 10.55 -1.76 -20.35
C ALA A 365 11.21 -2.27 -21.64
N GLU A 366 12.55 -2.32 -21.67
CA GLU A 366 13.31 -2.80 -22.85
C GLU A 366 12.92 -4.18 -23.34
N ALA A 367 12.59 -5.11 -22.45
CA ALA A 367 12.21 -6.45 -22.86
C ALA A 367 10.75 -6.65 -23.28
N LEU A 368 9.86 -5.74 -22.86
CA LEU A 368 8.41 -5.88 -23.14
C LEU A 368 7.71 -4.72 -23.85
N SER A 369 8.20 -3.47 -23.74
CA SER A 369 7.47 -2.31 -24.29
C SER A 369 7.05 -2.37 -25.80
N GLN A 370 7.81 -3.11 -26.60
CA GLN A 370 7.53 -3.26 -28.04
C GLN A 370 6.62 -4.48 -28.36
N HIS A 371 6.02 -5.11 -27.35
CA HIS A 371 5.13 -6.22 -27.62
C HIS A 371 3.81 -5.58 -28.09
N ALA A 372 3.16 -6.20 -29.07
CA ALA A 372 1.96 -5.65 -29.68
C ALA A 372 0.85 -5.40 -28.64
N ASN A 373 0.76 -6.29 -27.66
CA ASN A 373 -0.23 -6.25 -26.61
C ASN A 373 0.20 -5.59 -25.28
N VAL A 374 1.31 -4.86 -25.27
CA VAL A 374 1.78 -4.18 -24.06
C VAL A 374 1.57 -2.68 -24.26
N GLY A 375 0.51 -2.17 -23.63
CA GLY A 375 0.18 -0.75 -23.68
C GLY A 375 1.15 0.17 -22.93
N ASP A 376 1.71 -0.34 -21.83
CA ASP A 376 2.53 0.46 -20.96
C ASP A 376 3.40 -0.41 -20.08
N VAL A 377 4.60 0.09 -19.76
CA VAL A 377 5.46 -0.52 -18.76
C VAL A 377 5.78 0.69 -17.91
N ARG A 378 5.47 0.64 -16.61
CA ARG A 378 5.73 1.83 -15.76
C ARG A 378 6.20 1.44 -14.37
N GLY A 379 6.70 2.43 -13.63
CA GLY A 379 7.14 2.24 -12.24
C GLY A 379 8.08 3.29 -11.70
N GLU A 380 8.55 3.07 -10.48
CA GLU A 380 9.47 3.97 -9.80
C GLU A 380 10.04 3.21 -8.58
N GLY A 381 11.36 3.17 -8.42
CA GLY A 381 11.97 2.38 -7.36
C GLY A 381 11.57 0.94 -7.53
N LEU A 382 11.35 0.24 -6.43
CA LEU A 382 10.91 -1.15 -6.51
C LEU A 382 9.38 -1.31 -6.61
N LEU A 383 8.80 -0.59 -7.57
CA LEU A 383 7.41 -0.74 -7.95
C LEU A 383 7.41 -0.80 -9.48
N CYS A 384 6.80 -1.81 -10.06
CA CYS A 384 6.78 -1.86 -11.51
C CYS A 384 5.55 -2.61 -11.97
N ALA A 385 4.98 -2.13 -13.09
CA ALA A 385 3.83 -2.79 -13.69
C ALA A 385 3.87 -2.77 -15.22
N VAL A 386 3.23 -3.78 -15.79
CA VAL A 386 3.13 -3.95 -17.22
C VAL A 386 1.63 -4.02 -17.51
N GLU A 387 1.12 -3.10 -18.33
CA GLU A 387 -0.32 -3.12 -18.64
C GLU A 387 -0.58 -3.62 -20.06
N PHE A 388 -1.50 -4.57 -20.16
CA PHE A 388 -1.88 -5.23 -21.43
C PHE A 388 -3.14 -4.68 -22.08
N VAL A 389 -3.02 -4.49 -23.40
CA VAL A 389 -4.07 -3.94 -24.29
C VAL A 389 -4.26 -4.82 -25.52
N LYS A 390 -5.52 -5.01 -25.94
CA LYS A 390 -5.84 -5.78 -27.18
C LYS A 390 -5.30 -5.03 -28.42
N ASP A 391 -5.35 -3.70 -28.44
CA ASP A 391 -4.78 -2.92 -29.53
C ASP A 391 -4.17 -1.64 -28.98
N ARG A 392 -2.90 -1.41 -29.26
CA ARG A 392 -2.21 -0.26 -28.73
C ARG A 392 -2.60 1.10 -29.31
N ASP A 393 -2.66 1.21 -30.65
CA ASP A 393 -2.87 2.51 -31.33
C ASP A 393 -4.23 3.14 -30.92
N SER A 394 -5.26 2.30 -30.76
CA SER A 394 -6.57 2.74 -30.29
C SER A 394 -6.73 2.64 -28.75
N ARG A 395 -5.86 1.88 -28.10
CA ARG A 395 -5.92 1.59 -26.67
C ARG A 395 -7.17 0.81 -26.35
N THR A 396 -7.44 -0.20 -27.16
CA THR A 396 -8.55 -1.11 -26.90
C THR A 396 -8.07 -2.13 -25.87
N PHE A 397 -8.83 -2.29 -24.80
CA PHE A 397 -8.48 -3.23 -23.75
C PHE A 397 -9.15 -4.54 -24.06
N PHE A 398 -8.58 -5.64 -23.56
CA PHE A 398 -9.20 -6.91 -23.73
C PHE A 398 -10.45 -6.79 -22.94
N ASP A 399 -11.38 -7.69 -23.22
CA ASP A 399 -12.59 -7.79 -22.45
C ASP A 399 -12.16 -8.31 -21.06
N ALA A 400 -12.74 -7.77 -20.00
CA ALA A 400 -12.36 -8.19 -18.66
C ALA A 400 -12.52 -9.71 -18.49
N ALA A 401 -13.59 -10.27 -19.07
CA ALA A 401 -13.93 -11.70 -18.92
C ALA A 401 -12.86 -12.68 -19.47
N ASP A 402 -11.96 -12.17 -20.31
CA ASP A 402 -10.84 -12.94 -20.85
C ASP A 402 -9.69 -13.17 -19.86
N LYS A 403 -9.74 -12.51 -18.70
CA LYS A 403 -8.75 -12.70 -17.63
C LYS A 403 -7.28 -12.73 -18.11
N ILE A 404 -6.88 -11.79 -18.96
CA ILE A 404 -5.52 -11.77 -19.47
C ILE A 404 -4.44 -11.58 -18.37
N GLY A 405 -4.66 -10.61 -17.47
CA GLY A 405 -3.74 -10.37 -16.36
C GLY A 405 -3.57 -11.59 -15.49
N PRO A 406 -4.67 -12.14 -14.94
CA PRO A 406 -4.67 -13.36 -14.12
C PRO A 406 -4.02 -14.58 -14.79
N GLN A 407 -4.23 -14.75 -16.10
CA GLN A 407 -3.56 -15.84 -16.85
C GLN A 407 -2.06 -15.65 -16.95
N ILE A 408 -1.62 -14.43 -17.22
CA ILE A 408 -0.21 -14.15 -17.34
C ILE A 408 0.47 -14.39 -15.98
N SER A 409 -0.12 -13.88 -14.89
CA SER A 409 0.42 -14.08 -13.57
C SER A 409 0.53 -15.58 -13.22
N ALA A 410 -0.53 -16.33 -13.49
CA ALA A 410 -0.60 -17.79 -13.28
C ALA A 410 0.45 -18.54 -14.13
N LYS A 411 0.70 -18.04 -15.34
CA LYS A 411 1.71 -18.61 -16.21
C LYS A 411 3.11 -18.36 -15.62
N LEU A 412 3.39 -17.14 -15.16
CA LEU A 412 4.70 -16.78 -14.58
C LEU A 412 5.09 -17.69 -13.40
N LEU A 413 4.09 -18.01 -12.57
CA LEU A 413 4.22 -18.86 -11.39
C LEU A 413 4.39 -20.32 -11.77
N GLU A 414 3.55 -20.80 -12.69
CA GLU A 414 3.57 -22.21 -13.14
C GLU A 414 4.83 -22.52 -13.99
N GLN A 415 5.27 -21.61 -14.84
CA GLN A 415 6.48 -21.81 -15.65
C GLN A 415 7.79 -21.54 -14.95
N ASP A 416 7.83 -20.43 -14.21
CA ASP A 416 9.08 -19.96 -13.61
C ASP A 416 9.13 -19.83 -12.06
N LYS A 417 8.05 -20.23 -11.39
CA LYS A 417 7.99 -20.14 -9.92
C LYS A 417 8.33 -18.72 -9.40
N ILE A 418 7.74 -17.73 -10.08
CA ILE A 418 7.87 -16.32 -9.70
C ILE A 418 6.46 -15.78 -9.39
N ILE A 419 6.34 -15.08 -8.26
CA ILE A 419 5.06 -14.49 -7.80
C ILE A 419 5.02 -13.02 -8.23
N ALA A 420 4.05 -12.67 -9.08
CA ALA A 420 3.78 -11.29 -9.54
C ALA A 420 2.27 -11.23 -9.51
N ARG A 421 1.71 -10.07 -9.17
CA ARG A 421 0.27 -9.99 -8.97
CA ARG A 421 0.27 -9.91 -8.95
C ARG A 421 -0.53 -9.39 -10.14
N ALA A 422 -1.65 -10.03 -10.45
CA ALA A 422 -2.53 -9.53 -11.47
C ALA A 422 -3.37 -8.47 -10.72
N MSE A 423 -3.17 -7.20 -11.04
CA MSE A 423 -3.83 -6.10 -10.31
C MSE A 423 -5.34 -6.02 -10.62
O MSE A 423 -5.76 -6.40 -11.70
CB MSE A 423 -3.17 -4.80 -10.68
CG MSE A 423 -1.64 -4.77 -10.59
SE MSE A 423 -0.92 -5.30 -8.88
CE MSE A 423 -1.47 -3.75 -7.78
N PRO A 424 -6.16 -5.52 -9.68
CA PRO A 424 -7.61 -5.45 -9.97
C PRO A 424 -8.03 -4.40 -11.01
N GLN A 425 -9.18 -4.67 -11.62
CA GLN A 425 -9.83 -3.72 -12.50
C GLN A 425 -8.93 -3.31 -13.69
N GLY A 426 -8.31 -4.30 -14.33
CA GLY A 426 -7.46 -4.06 -15.50
C GLY A 426 -6.68 -5.32 -15.81
N ASP A 427 -5.85 -5.29 -16.86
CA ASP A 427 -4.93 -6.43 -17.14
C ASP A 427 -3.55 -5.84 -16.90
N ILE A 428 -3.13 -5.93 -15.64
CA ILE A 428 -1.90 -5.29 -15.18
C ILE A 428 -1.15 -6.31 -14.33
N LEU A 429 0.12 -6.55 -14.68
CA LEU A 429 0.97 -7.46 -13.90
C LEU A 429 1.82 -6.55 -13.04
N GLY A 430 1.73 -6.70 -11.72
CA GLY A 430 2.48 -5.80 -10.82
C GLY A 430 3.63 -6.42 -10.08
N PHE A 431 4.65 -5.63 -9.78
CA PHE A 431 5.84 -6.12 -9.07
C PHE A 431 6.20 -5.17 -7.93
N ALA A 432 6.35 -5.72 -6.74
CA ALA A 432 6.76 -4.93 -5.55
C ALA A 432 7.73 -5.85 -4.75
N PRO A 433 8.97 -6.05 -5.26
CA PRO A 433 9.87 -7.02 -4.62
C PRO A 433 10.62 -6.51 -3.35
N PRO A 434 11.06 -7.43 -2.50
CA PRO A 434 11.89 -7.01 -1.35
C PRO A 434 13.09 -6.12 -1.76
N PHE A 435 13.48 -5.19 -0.88
CA PHE A 435 14.52 -4.24 -1.25
C PHE A 435 15.88 -4.87 -1.41
N CYS A 436 16.04 -6.11 -0.99
CA CYS A 436 17.33 -6.83 -1.12
C CYS A 436 17.53 -7.54 -2.50
N LEU A 437 16.56 -7.34 -3.40
CA LEU A 437 16.60 -7.90 -4.75
C LEU A 437 17.93 -7.53 -5.40
N THR A 438 18.55 -8.53 -6.02
CA THR A 438 19.78 -8.30 -6.79
C THR A 438 19.43 -8.15 -8.28
N ARG A 439 20.39 -7.67 -9.06
CA ARG A 439 20.20 -7.51 -10.50
CA ARG A 439 20.24 -7.53 -10.51
C ARG A 439 20.01 -8.88 -11.15
N ALA A 440 20.73 -9.89 -10.67
CA ALA A 440 20.56 -11.27 -11.15
C ALA A 440 19.11 -11.75 -10.94
N GLU A 441 18.57 -11.48 -9.77
CA GLU A 441 17.16 -11.86 -9.46
C GLU A 441 16.13 -11.06 -10.30
N ALA A 442 16.41 -9.77 -10.52
CA ALA A 442 15.62 -8.90 -11.40
C ALA A 442 15.64 -9.45 -12.84
N ASP A 443 16.83 -9.87 -13.32
CA ASP A 443 16.97 -10.48 -14.66
C ASP A 443 16.06 -11.68 -14.80
N GLN A 444 15.96 -12.47 -13.74
CA GLN A 444 15.07 -13.63 -13.72
C GLN A 444 13.59 -13.28 -13.70
N VAL A 445 13.25 -12.12 -13.10
CA VAL A 445 11.86 -11.72 -13.06
C VAL A 445 11.47 -11.24 -14.47
N VAL A 446 12.34 -10.42 -15.07
CA VAL A 446 12.11 -9.90 -16.41
C VAL A 446 11.98 -11.03 -17.44
N GLU A 447 12.96 -11.94 -17.45
CA GLU A 447 12.98 -13.08 -18.38
C GLU A 447 11.79 -14.00 -18.19
N GLY A 448 11.34 -14.18 -16.97
CA GLY A 448 10.19 -15.07 -16.72
C GLY A 448 8.85 -14.46 -17.15
N THR A 449 8.75 -13.15 -17.03
CA THR A 449 7.54 -12.40 -17.40
C THR A 449 7.38 -12.39 -18.93
N LEU A 450 8.49 -12.11 -19.64
CA LEU A 450 8.52 -12.13 -21.10
C LEU A 450 8.05 -13.48 -21.57
N ARG A 451 8.50 -14.56 -20.94
CA ARG A 451 8.04 -15.93 -21.31
C ARG A 451 6.58 -16.21 -20.99
N ALA A 452 6.09 -15.61 -19.90
CA ALA A 452 4.69 -15.76 -19.49
C ALA A 452 3.80 -14.97 -20.47
N VAL A 453 4.24 -13.76 -20.82
CA VAL A 453 3.53 -12.90 -21.80
C VAL A 453 3.50 -13.56 -23.20
N LYS A 454 4.62 -14.14 -23.64
CA LYS A 454 4.64 -14.84 -24.95
C LYS A 454 3.78 -16.11 -24.90
N ALA A 455 3.81 -16.84 -23.80
CA ALA A 455 3.01 -18.07 -23.68
C ALA A 455 1.48 -17.84 -23.70
N VAL A 456 1.03 -16.65 -23.28
CA VAL A 456 -0.42 -16.33 -23.26
C VAL A 456 -0.87 -15.52 -24.49
N LEU A 457 -0.07 -14.52 -24.88
CA LEU A 457 -0.39 -13.60 -25.96
C LEU A 457 0.51 -13.72 -27.22
N GLY A 458 1.49 -14.61 -27.23
CA GLY A 458 2.41 -14.72 -28.38
C GLY A 458 3.47 -13.65 -28.30
N1 PLP B . -3.46 2.07 2.21
C2 PLP B . -2.67 1.45 1.25
C2A PLP B . -1.95 2.27 0.23
C3 PLP B . -2.55 0.05 1.25
O3 PLP B . -2.05 -0.59 0.12
C4 PLP B . -3.22 -0.70 2.22
C4A PLP B . -2.81 -2.15 2.43
O4A PLP B . -3.19 -3.00 1.64
C5 PLP B . -4.03 -0.08 3.18
C6 PLP B . -4.14 1.32 3.17
C5A PLP B . -4.85 -0.90 4.15
O4P PLP B . -3.99 -1.52 5.10
P PLP B . -4.37 -2.92 5.84
O1P PLP B . -5.58 -2.73 6.71
O2P PLP B . -3.17 -3.29 6.70
O3P PLP B . -4.63 -3.97 4.80
C1 EDO C . 1.91 -29.09 6.37
O1 EDO C . 2.55 -27.82 6.16
C2 EDO C . 2.43 -29.72 7.63
O2 EDO C . 2.90 -28.65 8.45
C1 EDO D . 14.03 -20.41 2.13
O1 EDO D . 13.39 -21.61 2.53
C2 EDO D . 13.62 -20.09 0.70
O2 EDO D . 13.66 -21.27 -0.11
C1 EDO E . 17.30 7.31 18.64
O1 EDO E . 17.94 8.44 18.03
C2 EDO E . 17.15 6.16 17.67
O2 EDO E . 17.43 4.92 18.33
C1 EDO F . -10.48 -0.60 10.53
O1 EDO F . -9.78 -1.85 10.41
C2 EDO F . -11.72 -0.71 11.41
O2 EDO F . -11.36 -0.38 12.76
C1 EDO G . -25.07 -2.49 -4.29
O1 EDO G . -24.23 -3.46 -4.94
C2 EDO G . -24.69 -2.21 -2.85
O2 EDO G . -23.31 -1.85 -2.72
#